data_5TD3
#
_entry.id   5TD3
#
_cell.length_a   169.410
_cell.length_b   55.860
_cell.length_c   85.690
_cell.angle_alpha   90.000
_cell.angle_beta   116.300
_cell.angle_gamma   90.000
#
_symmetry.space_group_name_H-M   'C 1 2 1'
#
loop_
_entity.id
_entity.type
_entity.pdbx_description
1 polymer 'Catechol 1,2-dioxygenase'
2 non-polymer 'ZINC ION'
3 non-polymer 'MAGNESIUM ION'
4 non-polymer 1,2-ETHANEDIOL
5 non-polymer 'CHLORIDE ION'
6 non-polymer PHOSPHATIDYLETHANOLAMINE
7 water water
#
_entity_poly.entity_id   1
_entity_poly.type   'polypeptide(L)'
_entity_poly.pdbx_seq_one_letter_code
;MAHHHHHHMSIKVFETREVQDLLKAASSANANGASTGDARTQQIVLRLLGDLFKAIDDLDITPDEVWAGVNYLNKLGQDG
EAALLAAGLGLEKYLDIRMDAADAALGLDGGTPRTIEGPLYVAGAPVRDGVAKIDLDADAGAGPLVIHGTVKDLDGKPVA
GALVECWHANSHGFYSHFDPTGAQRDFNLRGAVRTGADGTYAFRTLMPVGYGCPPQGATQQLLDRLGRHGNRPAHVHFFV
TSDGHRKLTTQFNIEGDPLIWDDFAYATREELIPPVTTKTGGAALGLKADAYQDITFDFVLTPRVGGADNQIVERPRASV
AA
;
_entity_poly.pdbx_strand_id   A,B
#
# COMPACT_ATOMS: atom_id res chain seq x y z
N ILE A 11 21.29 16.98 6.16
CA ILE A 11 21.89 16.35 4.98
C ILE A 11 20.82 16.16 3.90
N LYS A 12 21.10 16.64 2.68
CA LYS A 12 20.16 16.59 1.57
C LYS A 12 20.86 16.01 0.37
N VAL A 13 20.30 14.95 -0.21
CA VAL A 13 20.91 14.26 -1.33
C VAL A 13 20.04 14.24 -2.58
N PHE A 14 18.81 14.75 -2.50
CA PHE A 14 17.85 14.52 -3.57
C PHE A 14 18.37 14.99 -4.92
N GLU A 15 19.02 16.15 -4.96
CA GLU A 15 19.46 16.72 -6.23
C GLU A 15 20.79 16.15 -6.72
N THR A 16 21.41 15.21 -6.00
CA THR A 16 22.67 14.65 -6.48
C THR A 16 22.44 13.85 -7.75
N ARG A 17 23.50 13.76 -8.58
CA ARG A 17 23.38 12.97 -9.81
C ARG A 17 23.04 11.53 -9.51
N GLU A 18 23.59 10.97 -8.41
CA GLU A 18 23.35 9.58 -8.09
C GLU A 18 21.88 9.30 -7.82
N VAL A 19 21.22 10.17 -7.06
CA VAL A 19 19.80 9.99 -6.76
C VAL A 19 18.96 10.19 -8.02
N GLN A 20 19.29 11.21 -8.82
CA GLN A 20 18.53 11.43 -10.05
C GLN A 20 18.68 10.27 -11.01
N ASP A 21 19.88 9.73 -11.16
CA ASP A 21 20.06 8.54 -12.00
C ASP A 21 19.28 7.36 -11.44
N LEU A 22 19.27 7.19 -10.13
CA LEU A 22 18.53 6.07 -9.52
C LEU A 22 17.04 6.17 -9.83
N LEU A 23 16.47 7.38 -9.68
CA LEU A 23 15.06 7.58 -9.98
C LEU A 23 14.72 7.23 -11.42
N LYS A 24 15.53 7.71 -12.37
CA LYS A 24 15.25 7.43 -13.77
C LYS A 24 15.34 5.93 -14.07
N ALA A 25 16.33 5.26 -13.47
CA ALA A 25 16.48 3.83 -13.72
C ALA A 25 15.30 3.05 -13.15
N ALA A 26 14.89 3.38 -11.93
CA ALA A 26 13.83 2.62 -11.28
C ALA A 26 12.49 2.74 -11.99
N SER A 27 12.28 3.85 -12.73
CA SER A 27 10.99 4.15 -13.33
CA SER A 27 10.99 4.15 -13.33
C SER A 27 10.95 3.93 -14.83
N SER A 28 11.99 3.32 -15.41
CA SER A 28 12.02 3.15 -16.86
C SER A 28 12.42 1.72 -17.18
N ALA A 29 12.29 1.35 -18.46
CA ALA A 29 12.55 -0.02 -18.88
C ALA A 29 14.05 -0.31 -18.90
N ASN A 30 14.38 -1.59 -18.81
CA ASN A 30 15.79 -2.00 -18.91
C ASN A 30 16.33 -1.70 -20.30
N ALA A 34 14.08 -6.02 -23.10
CA ALA A 34 13.45 -6.32 -24.37
C ALA A 34 12.00 -5.83 -24.41
N SER A 35 11.32 -5.89 -23.27
CA SER A 35 9.97 -5.33 -23.17
C SER A 35 10.05 -3.84 -22.85
N THR A 36 9.17 -3.05 -23.49
CA THR A 36 9.28 -1.60 -23.41
C THR A 36 8.46 -0.96 -22.29
N GLY A 37 7.49 -1.66 -21.71
CA GLY A 37 6.73 -1.12 -20.59
C GLY A 37 5.62 -0.15 -21.01
N ASP A 38 4.81 0.22 -20.01
CA ASP A 38 3.69 1.14 -20.19
C ASP A 38 4.13 2.56 -19.87
N ALA A 39 4.06 3.44 -20.86
CA ALA A 39 4.59 4.79 -20.72
C ALA A 39 3.87 5.55 -19.62
N ARG A 40 2.56 5.38 -19.52
CA ARG A 40 1.81 6.10 -18.50
C ARG A 40 2.18 5.63 -17.10
N THR A 41 2.35 4.32 -16.90
CA THR A 41 2.79 3.83 -15.61
C THR A 41 4.21 4.34 -15.29
N GLN A 42 5.11 4.32 -16.27
CA GLN A 42 6.45 4.86 -16.04
C GLN A 42 6.39 6.33 -15.64
N GLN A 43 5.52 7.10 -16.30
CA GLN A 43 5.40 8.51 -15.98
C GLN A 43 4.93 8.72 -14.54
N ILE A 44 3.92 7.97 -14.11
CA ILE A 44 3.36 8.16 -12.78
C ILE A 44 4.33 7.67 -11.72
N VAL A 45 5.00 6.54 -11.97
CA VAL A 45 5.96 6.05 -10.98
C VAL A 45 7.12 7.02 -10.82
N LEU A 46 7.64 7.55 -11.93
CA LEU A 46 8.74 8.52 -11.82
C LEU A 46 8.35 9.69 -10.93
N ARG A 47 7.13 10.19 -11.10
CA ARG A 47 6.69 11.35 -10.33
C ARG A 47 6.48 10.97 -8.86
N LEU A 48 5.77 9.88 -8.58
CA LEU A 48 5.46 9.56 -7.19
C LEU A 48 6.71 9.14 -6.42
N LEU A 49 7.58 8.37 -7.08
CA LEU A 49 8.83 7.95 -6.44
C LEU A 49 9.75 9.13 -6.19
N GLY A 50 9.86 10.03 -7.17
CA GLY A 50 10.63 11.25 -6.96
C GLY A 50 10.10 12.08 -5.82
N ASP A 51 8.78 12.24 -5.76
CA ASP A 51 8.19 13.01 -4.66
C ASP A 51 8.47 12.35 -3.32
N LEU A 52 8.38 11.01 -3.25
CA LEU A 52 8.67 10.32 -2.01
C LEU A 52 10.12 10.51 -1.59
N PHE A 53 11.05 10.36 -2.54
CA PHE A 53 12.45 10.58 -2.23
C PHE A 53 12.69 12.00 -1.71
N LYS A 54 12.01 12.99 -2.30
CA LYS A 54 12.21 14.36 -1.88
C LYS A 54 11.61 14.62 -0.50
N ALA A 55 10.44 14.04 -0.21
CA ALA A 55 9.86 14.18 1.12
C ALA A 55 10.74 13.55 2.20
N ILE A 56 11.30 12.37 1.91
CA ILE A 56 12.22 11.73 2.85
C ILE A 56 13.41 12.63 3.12
N ASP A 57 13.95 13.23 2.06
CA ASP A 57 15.05 14.19 2.19
C ASP A 57 14.64 15.42 3.00
N ASP A 58 13.48 15.99 2.68
CA ASP A 58 13.07 17.25 3.29
C ASP A 58 12.69 17.08 4.76
N LEU A 59 11.99 16.00 5.08
CA LEU A 59 11.52 15.76 6.44
C LEU A 59 12.49 14.93 7.25
N ASP A 60 13.64 14.55 6.68
CA ASP A 60 14.61 13.67 7.30
C ASP A 60 13.94 12.41 7.84
N ILE A 61 13.14 11.79 6.96
CA ILE A 61 12.46 10.55 7.33
C ILE A 61 13.51 9.45 7.47
N THR A 62 13.54 8.80 8.64
CA THR A 62 14.61 7.84 8.94
C THR A 62 14.30 6.48 8.32
N PRO A 63 15.32 5.64 8.12
CA PRO A 63 15.04 4.24 7.75
C PRO A 63 14.01 3.57 8.64
N ASP A 64 14.12 3.73 9.96
CA ASP A 64 13.13 3.12 10.86
C ASP A 64 11.71 3.56 10.49
N GLU A 65 11.52 4.86 10.24
CA GLU A 65 10.20 5.36 9.83
C GLU A 65 9.77 4.78 8.50
N VAL A 66 10.67 4.71 7.53
CA VAL A 66 10.31 4.15 6.23
C VAL A 66 9.88 2.70 6.39
N TRP A 67 10.65 1.90 7.13
CA TRP A 67 10.28 0.49 7.24
C TRP A 67 8.98 0.32 8.01
N ALA A 68 8.67 1.21 8.96
CA ALA A 68 7.36 1.16 9.60
C ALA A 68 6.27 1.44 8.60
N GLY A 69 6.49 2.41 7.70
CA GLY A 69 5.51 2.67 6.66
C GLY A 69 5.37 1.52 5.69
N VAL A 70 6.49 0.89 5.32
CA VAL A 70 6.43 -0.29 4.46
C VAL A 70 5.64 -1.40 5.14
N ASN A 71 5.87 -1.60 6.44
CA ASN A 71 5.14 -2.61 7.19
C ASN A 71 3.64 -2.29 7.24
N TYR A 72 3.32 -1.01 7.35
CA TYR A 72 1.92 -0.61 7.36
C TYR A 72 1.25 -0.92 6.02
N LEU A 73 1.96 -0.69 4.91
CA LEU A 73 1.38 -1.03 3.61
C LEU A 73 1.10 -2.53 3.50
N ASN A 74 2.00 -3.37 4.04
CA ASN A 74 1.73 -4.81 4.07
C ASN A 74 0.44 -5.11 4.83
N LYS A 75 0.26 -4.51 6.01
CA LYS A 75 -0.94 -4.74 6.80
C LYS A 75 -2.17 -4.23 6.08
N LEU A 76 -2.06 -3.05 5.46
CA LEU A 76 -3.21 -2.45 4.77
C LEU A 76 -3.75 -3.39 3.70
N GLY A 77 -2.85 -3.94 2.88
CA GLY A 77 -3.27 -4.85 1.83
C GLY A 77 -3.71 -6.20 2.35
N GLN A 78 -3.02 -6.72 3.37
CA GLN A 78 -3.48 -7.95 4.01
CA GLN A 78 -3.48 -7.95 4.01
C GLN A 78 -4.91 -7.81 4.52
N ASP A 79 -5.24 -6.64 5.08
CA ASP A 79 -6.60 -6.38 5.54
C ASP A 79 -7.56 -6.08 4.40
N GLY A 80 -7.07 -5.95 3.17
CA GLY A 80 -7.93 -5.57 2.06
C GLY A 80 -8.59 -4.22 2.23
N GLU A 81 -7.91 -3.26 2.88
CA GLU A 81 -8.52 -1.99 3.27
C GLU A 81 -7.96 -0.79 2.50
N ALA A 82 -7.20 -0.99 1.42
CA ALA A 82 -6.61 0.17 0.76
C ALA A 82 -7.68 1.15 0.29
N ALA A 83 -8.83 0.66 -0.18
CA ALA A 83 -9.89 1.57 -0.63
C ALA A 83 -10.59 2.25 0.53
N LEU A 84 -10.63 1.61 1.69
CA LEU A 84 -11.15 2.25 2.88
C LEU A 84 -10.24 3.39 3.34
N LEU A 85 -8.91 3.18 3.26
CA LEU A 85 -7.99 4.26 3.59
C LEU A 85 -8.06 5.38 2.55
N ALA A 86 -8.25 5.03 1.28
CA ALA A 86 -8.45 6.08 0.27
C ALA A 86 -9.60 6.99 0.66
N ALA A 87 -10.67 6.41 1.18
CA ALA A 87 -11.77 7.24 1.66
C ALA A 87 -11.38 8.02 2.91
N GLY A 88 -10.73 7.37 3.87
CA GLY A 88 -10.46 8.01 5.15
C GLY A 88 -9.44 9.13 5.09
N LEU A 89 -8.55 9.10 4.11
CA LEU A 89 -7.57 10.17 3.94
C LEU A 89 -8.05 11.23 2.96
N GLY A 90 -9.32 11.16 2.54
CA GLY A 90 -9.83 12.20 1.67
C GLY A 90 -9.45 12.06 0.20
N LEU A 91 -8.74 11.00 -0.17
CA LEU A 91 -8.39 10.80 -1.56
C LEU A 91 -9.63 10.58 -2.41
N GLU A 92 -10.60 9.84 -1.88
CA GLU A 92 -11.82 9.59 -2.64
C GLU A 92 -12.60 10.88 -2.85
N LYS A 93 -12.74 11.69 -1.78
CA LYS A 93 -13.35 13.02 -1.93
C LYS A 93 -12.56 13.88 -2.91
N TYR A 94 -11.22 13.81 -2.86
CA TYR A 94 -10.42 14.62 -3.76
C TYR A 94 -10.78 14.34 -5.22
N LEU A 95 -11.02 13.06 -5.55
CA LEU A 95 -11.41 12.73 -6.93
C LEU A 95 -12.69 13.43 -7.31
N ASP A 96 -13.63 13.54 -6.38
CA ASP A 96 -14.88 14.25 -6.67
C ASP A 96 -14.62 15.74 -6.88
N ILE A 97 -13.72 16.33 -6.09
CA ILE A 97 -13.37 17.73 -6.28
C ILE A 97 -12.84 17.96 -7.69
N ARG A 98 -11.95 17.08 -8.15
CA ARG A 98 -11.43 17.24 -9.50
C ARG A 98 -12.51 17.04 -10.56
N MET A 99 -13.41 16.05 -10.38
CA MET A 99 -14.51 15.87 -11.32
C MET A 99 -15.45 17.07 -11.30
N ASP A 100 -15.71 17.63 -10.13
CA ASP A 100 -16.56 18.82 -10.05
C ASP A 100 -15.95 19.98 -10.82
N ALA A 101 -14.64 20.20 -10.67
CA ALA A 101 -14.02 21.33 -11.36
C ALA A 101 -14.06 21.14 -12.87
N ALA A 102 -13.89 19.89 -13.33
CA ALA A 102 -13.98 19.61 -14.76
C ALA A 102 -15.38 19.91 -15.28
N ASP A 103 -16.41 19.47 -14.56
CA ASP A 103 -17.78 19.75 -14.97
C ASP A 103 -18.05 21.25 -15.01
N ALA A 104 -17.60 21.98 -13.98
CA ALA A 104 -17.84 23.42 -13.94
C ALA A 104 -17.17 24.10 -15.14
N ALA A 105 -15.97 23.63 -15.51
CA ALA A 105 -15.31 24.14 -16.71
C ALA A 105 -16.12 23.84 -17.97
N LEU A 106 -16.85 22.73 -18.00
CA LEU A 106 -17.65 22.36 -19.16
C LEU A 106 -19.09 22.82 -19.08
N GLY A 107 -19.45 23.58 -18.05
CA GLY A 107 -20.83 24.01 -17.90
C GLY A 107 -21.84 22.91 -17.64
N LEU A 108 -21.41 21.81 -17.02
CA LEU A 108 -22.35 20.75 -16.65
C LEU A 108 -22.88 20.98 -15.24
N ASP A 109 -23.52 22.13 -15.04
CA ASP A 109 -23.99 22.48 -13.71
C ASP A 109 -25.49 22.32 -13.55
N GLY A 110 -25.93 22.28 -12.28
CA GLY A 110 -27.32 22.17 -11.94
C GLY A 110 -27.79 20.78 -11.58
N GLY A 111 -26.98 19.74 -11.80
CA GLY A 111 -27.39 18.42 -11.40
C GLY A 111 -27.27 18.17 -9.92
N THR A 112 -27.83 17.04 -9.49
CA THR A 112 -27.62 16.59 -8.13
C THR A 112 -26.12 16.43 -7.91
N PRO A 113 -25.57 16.95 -6.81
CA PRO A 113 -24.12 16.85 -6.63
C PRO A 113 -23.69 15.39 -6.47
N ARG A 114 -22.53 15.07 -7.05
CA ARG A 114 -21.95 13.77 -6.79
C ARG A 114 -21.41 13.71 -5.37
N THR A 115 -21.25 12.51 -4.84
CA THR A 115 -20.33 12.32 -3.72
C THR A 115 -19.77 10.90 -3.77
N ILE A 116 -18.99 10.52 -2.76
CA ILE A 116 -18.13 9.35 -2.94
C ILE A 116 -18.97 8.07 -2.99
N GLU A 117 -18.47 7.11 -3.76
CA GLU A 117 -19.11 5.82 -3.87
C GLU A 117 -18.93 5.01 -2.58
N GLY A 118 -17.75 5.11 -1.96
CA GLY A 118 -17.35 4.20 -0.91
C GLY A 118 -17.03 2.82 -1.48
N PRO A 119 -16.54 1.92 -0.63
CA PRO A 119 -16.03 0.63 -1.15
C PRO A 119 -16.99 -0.53 -1.03
N LEU A 120 -18.28 -0.28 -0.80
CA LEU A 120 -19.21 -1.34 -0.40
C LEU A 120 -20.34 -1.56 -1.40
N TYR A 121 -20.21 -1.12 -2.65
CA TYR A 121 -21.20 -1.50 -3.65
C TYR A 121 -21.14 -3.00 -3.95
N VAL A 122 -22.29 -3.58 -4.30
CA VAL A 122 -22.38 -4.97 -4.73
C VAL A 122 -23.26 -5.03 -5.97
N ALA A 123 -22.73 -5.60 -7.04
CA ALA A 123 -23.51 -5.73 -8.26
C ALA A 123 -24.50 -6.90 -8.14
N GLY A 124 -25.63 -6.77 -8.85
CA GLY A 124 -26.59 -7.85 -9.01
C GLY A 124 -27.87 -7.77 -8.20
N ALA A 125 -28.15 -6.64 -7.55
CA ALA A 125 -29.31 -6.51 -6.67
C ALA A 125 -30.63 -6.54 -7.45
N PRO A 126 -31.73 -6.91 -6.80
CA PRO A 126 -33.00 -7.02 -7.53
C PRO A 126 -33.50 -5.68 -8.03
N VAL A 127 -33.96 -5.68 -9.27
CA VAL A 127 -34.52 -4.52 -9.97
C VAL A 127 -36.03 -4.69 -10.06
N ARG A 128 -36.78 -3.66 -9.65
CA ARG A 128 -38.23 -3.62 -9.77
C ARG A 128 -38.66 -2.36 -10.51
N ASP A 129 -39.89 -2.37 -11.05
CA ASP A 129 -40.46 -1.15 -11.61
C ASP A 129 -41.07 -0.27 -10.52
N GLY A 130 -40.67 0.99 -10.49
CA GLY A 130 -41.36 1.98 -9.65
C GLY A 130 -41.16 1.99 -8.15
N VAL A 131 -41.29 0.84 -7.50
CA VAL A 131 -41.23 0.75 -6.04
C VAL A 131 -40.51 -0.53 -5.66
N ALA A 132 -39.69 -0.46 -4.62
CA ALA A 132 -38.99 -1.65 -4.13
C ALA A 132 -38.91 -1.66 -2.62
N LYS A 133 -39.22 -2.81 -2.04
CA LYS A 133 -38.97 -3.09 -0.63
C LYS A 133 -37.69 -3.89 -0.52
N ILE A 134 -36.67 -3.31 0.11
CA ILE A 134 -35.33 -3.86 0.06
C ILE A 134 -34.85 -4.38 1.41
N ASP A 135 -35.65 -4.25 2.47
CA ASP A 135 -35.28 -4.86 3.74
C ASP A 135 -35.80 -6.30 3.74
N LEU A 136 -34.87 -7.25 3.65
CA LEU A 136 -35.16 -8.69 3.63
C LEU A 136 -34.98 -9.35 4.98
N ASP A 137 -34.06 -8.87 5.79
CA ASP A 137 -33.77 -9.43 7.10
C ASP A 137 -34.41 -8.58 8.18
N ALA A 138 -35.06 -9.25 9.13
CA ALA A 138 -35.60 -8.55 10.28
C ALA A 138 -34.49 -7.81 11.02
N ASP A 139 -34.82 -6.61 11.50
CA ASP A 139 -33.86 -5.78 12.22
C ASP A 139 -34.66 -4.96 13.22
N ALA A 140 -34.73 -5.45 14.47
CA ALA A 140 -35.57 -4.77 15.46
C ALA A 140 -35.00 -3.42 15.85
N GLY A 141 -33.73 -3.16 15.56
CA GLY A 141 -33.17 -1.87 15.90
C GLY A 141 -33.36 -0.78 14.86
N ALA A 142 -34.09 -1.04 13.79
CA ALA A 142 -34.24 -0.11 12.69
C ALA A 142 -35.71 0.03 12.33
N GLY A 143 -36.25 1.25 12.40
CA GLY A 143 -37.62 1.50 12.03
C GLY A 143 -37.77 1.63 10.53
N PRO A 144 -39.02 1.57 10.06
CA PRO A 144 -39.27 1.64 8.63
C PRO A 144 -38.94 3.02 8.07
N LEU A 145 -38.45 3.01 6.84
CA LEU A 145 -38.03 4.23 6.15
C LEU A 145 -38.51 4.13 4.72
N VAL A 146 -39.13 5.19 4.23
CA VAL A 146 -39.58 5.26 2.84
C VAL A 146 -38.83 6.41 2.18
N ILE A 147 -38.15 6.12 1.08
CA ILE A 147 -37.39 7.10 0.32
C ILE A 147 -38.04 7.20 -1.05
N HIS A 148 -38.45 8.39 -1.44
CA HIS A 148 -39.16 8.55 -2.71
C HIS A 148 -38.84 9.90 -3.32
N GLY A 149 -39.06 9.98 -4.62
CA GLY A 149 -38.81 11.22 -5.33
C GLY A 149 -38.96 11.00 -6.82
N THR A 150 -38.45 11.96 -7.60
CA THR A 150 -38.49 11.89 -9.05
CA THR A 150 -38.49 11.88 -9.05
C THR A 150 -37.09 12.05 -9.62
N VAL A 151 -36.86 11.43 -10.77
CA VAL A 151 -35.63 11.60 -11.53
C VAL A 151 -35.96 12.55 -12.68
N LYS A 152 -35.19 13.64 -12.80
CA LYS A 152 -35.45 14.66 -13.81
C LYS A 152 -34.17 15.02 -14.53
N ASP A 153 -34.31 15.63 -15.71
CA ASP A 153 -33.17 16.15 -16.43
C ASP A 153 -32.98 17.64 -16.10
N LEU A 154 -32.01 18.28 -16.78
CA LEU A 154 -31.70 19.68 -16.49
C LEU A 154 -32.80 20.65 -16.95
N ASP A 155 -33.78 20.18 -17.72
CA ASP A 155 -34.94 20.99 -18.08
C ASP A 155 -36.11 20.74 -17.14
N GLY A 156 -35.92 19.94 -16.10
CA GLY A 156 -36.97 19.67 -15.15
C GLY A 156 -37.95 18.62 -15.59
N LYS A 157 -37.67 17.92 -16.71
CA LYS A 157 -38.53 16.90 -17.29
C LYS A 157 -38.25 15.55 -16.65
N PRO A 158 -39.31 14.82 -16.31
CA PRO A 158 -39.12 13.48 -15.74
C PRO A 158 -38.37 12.58 -16.72
N VAL A 159 -37.54 11.71 -16.15
CA VAL A 159 -36.73 10.77 -16.92
C VAL A 159 -37.33 9.39 -16.71
N ALA A 160 -37.82 8.79 -17.79
CA ALA A 160 -38.40 7.46 -17.70
C ALA A 160 -37.34 6.41 -18.03
N GLY A 161 -37.45 5.26 -17.37
CA GLY A 161 -36.49 4.20 -17.58
C GLY A 161 -35.15 4.39 -16.91
N ALA A 162 -35.02 5.36 -16.02
CA ALA A 162 -33.80 5.51 -15.26
C ALA A 162 -33.72 4.40 -14.20
N LEU A 163 -32.49 3.95 -13.92
CA LEU A 163 -32.23 2.88 -12.96
C LEU A 163 -31.64 3.49 -11.69
N VAL A 164 -32.43 3.52 -10.63
CA VAL A 164 -32.02 4.11 -9.36
C VAL A 164 -31.64 2.97 -8.44
N GLU A 165 -30.35 2.90 -8.09
CA GLU A 165 -29.84 1.84 -7.24
C GLU A 165 -29.53 2.38 -5.84
N CYS A 166 -29.84 1.59 -4.83
CA CYS A 166 -29.74 2.00 -3.44
C CYS A 166 -28.99 0.95 -2.65
N TRP A 167 -28.08 1.37 -1.78
CA TRP A 167 -27.57 0.43 -0.78
C TRP A 167 -27.23 1.19 0.49
N HIS A 168 -27.42 0.53 1.63
CA HIS A 168 -27.14 1.17 2.91
C HIS A 168 -27.02 0.11 3.99
N ALA A 169 -26.62 0.56 5.18
CA ALA A 169 -26.31 -0.32 6.30
C ALA A 169 -27.54 -0.65 7.14
N ASN A 170 -27.40 -1.66 8.01
CA ASN A 170 -28.44 -2.02 8.97
C ASN A 170 -28.21 -1.27 10.28
N SER A 171 -28.95 -1.63 11.34
CA SER A 171 -28.87 -0.90 12.60
C SER A 171 -27.57 -1.13 13.33
N HIS A 172 -26.76 -2.10 12.91
CA HIS A 172 -25.42 -2.31 13.45
C HIS A 172 -24.35 -1.66 12.61
N GLY A 173 -24.74 -0.88 11.59
CA GLY A 173 -23.78 -0.25 10.73
C GLY A 173 -23.11 -1.19 9.77
N PHE A 174 -23.65 -2.39 9.58
CA PHE A 174 -23.07 -3.37 8.67
C PHE A 174 -23.88 -3.45 7.38
N TYR A 175 -23.18 -3.69 6.29
CA TYR A 175 -23.79 -3.89 4.99
C TYR A 175 -23.81 -5.37 4.65
N SER A 176 -24.87 -5.78 3.93
CA SER A 176 -24.87 -7.13 3.41
C SER A 176 -23.66 -7.34 2.49
N HIS A 177 -23.15 -8.58 2.51
CA HIS A 177 -21.95 -9.02 1.79
C HIS A 177 -20.66 -8.54 2.45
N PHE A 178 -20.78 -7.66 3.44
CA PHE A 178 -19.65 -7.17 4.22
C PHE A 178 -19.93 -7.24 5.71
N ASP A 179 -20.82 -8.15 6.11
CA ASP A 179 -21.24 -8.17 7.50
C ASP A 179 -20.44 -9.26 8.21
N PRO A 180 -19.54 -8.90 9.13
CA PRO A 180 -18.66 -9.92 9.71
C PRO A 180 -19.38 -10.90 10.62
N THR A 181 -20.62 -10.58 11.05
CA THR A 181 -21.40 -11.53 11.84
C THR A 181 -22.13 -12.56 10.98
N GLY A 182 -22.17 -12.37 9.67
CA GLY A 182 -22.87 -13.29 8.79
C GLY A 182 -24.38 -13.22 8.88
N ALA A 183 -24.91 -12.15 9.48
CA ALA A 183 -26.32 -12.11 9.83
C ALA A 183 -27.24 -11.69 8.70
N GLN A 184 -26.72 -11.25 7.56
CA GLN A 184 -27.56 -10.72 6.49
C GLN A 184 -27.50 -11.59 5.25
N ARG A 185 -28.65 -11.76 4.60
CA ARG A 185 -28.72 -12.52 3.38
C ARG A 185 -28.30 -11.66 2.19
N ASP A 186 -28.07 -12.33 1.05
CA ASP A 186 -27.69 -11.64 -0.17
C ASP A 186 -28.66 -10.49 -0.47
N PHE A 187 -28.07 -9.32 -0.76
CA PHE A 187 -28.75 -8.11 -1.18
C PHE A 187 -29.70 -7.54 -0.14
N ASN A 188 -29.53 -7.89 1.14
CA ASN A 188 -30.28 -7.17 2.17
C ASN A 188 -29.94 -5.69 2.09
N LEU A 189 -30.98 -4.86 2.07
CA LEU A 189 -30.85 -3.39 2.02
C LEU A 189 -30.14 -2.94 0.74
N ARG A 190 -30.32 -3.70 -0.35
CA ARG A 190 -29.76 -3.33 -1.65
C ARG A 190 -30.83 -3.57 -2.71
N GLY A 191 -31.10 -2.57 -3.53
CA GLY A 191 -32.12 -2.79 -4.54
C GLY A 191 -32.10 -1.69 -5.56
N ALA A 192 -32.82 -1.91 -6.65
CA ALA A 192 -32.88 -0.94 -7.74
C ALA A 192 -34.32 -0.80 -8.21
N VAL A 193 -34.70 0.45 -8.50
CA VAL A 193 -36.01 0.79 -9.06
C VAL A 193 -35.82 1.39 -10.44
N ARG A 194 -36.64 0.94 -11.40
CA ARG A 194 -36.70 1.55 -12.73
CA ARG A 194 -36.70 1.54 -12.74
C ARG A 194 -37.88 2.51 -12.77
N THR A 195 -37.61 3.77 -13.09
CA THR A 195 -38.66 4.76 -13.09
C THR A 195 -39.62 4.52 -14.25
N GLY A 196 -40.89 4.82 -14.01
CA GLY A 196 -41.89 4.81 -15.06
C GLY A 196 -41.94 6.13 -15.79
N ALA A 197 -43.06 6.36 -16.47
CA ALA A 197 -43.18 7.54 -17.31
C ALA A 197 -43.14 8.82 -16.48
N ASP A 198 -43.62 8.78 -15.24
CA ASP A 198 -43.61 9.95 -14.39
C ASP A 198 -42.26 10.20 -13.73
N GLY A 199 -41.27 9.36 -13.97
CA GLY A 199 -39.95 9.54 -13.39
C GLY A 199 -39.84 9.20 -11.92
N THR A 200 -40.86 8.60 -11.32
CA THR A 200 -40.87 8.44 -9.87
C THR A 200 -40.23 7.12 -9.45
N TYR A 201 -39.64 7.13 -8.27
CA TYR A 201 -39.09 5.95 -7.64
C TYR A 201 -39.49 5.96 -6.18
N ALA A 202 -39.52 4.78 -5.57
CA ALA A 202 -39.71 4.70 -4.13
C ALA A 202 -39.04 3.44 -3.59
N PHE A 203 -38.34 3.59 -2.47
CA PHE A 203 -37.77 2.46 -1.75
C PHE A 203 -38.43 2.35 -0.38
N ARG A 204 -38.77 1.12 0.00
CA ARG A 204 -39.27 0.81 1.33
C ARG A 204 -38.21 -0.01 2.04
N THR A 205 -37.71 0.49 3.16
CA THR A 205 -36.54 -0.11 3.77
C THR A 205 -36.58 0.18 5.27
N LEU A 206 -35.43 0.12 5.92
CA LEU A 206 -35.27 0.45 7.32
C LEU A 206 -34.21 1.53 7.46
N MET A 207 -34.27 2.25 8.57
CA MET A 207 -33.34 3.36 8.82
C MET A 207 -31.91 2.86 9.00
N PRO A 208 -30.94 3.33 8.21
CA PRO A 208 -29.55 2.98 8.46
C PRO A 208 -29.01 3.66 9.70
N VAL A 209 -27.94 3.08 10.23
CA VAL A 209 -27.12 3.66 11.28
C VAL A 209 -25.72 3.86 10.70
N GLY A 210 -24.99 4.83 11.25
CA GLY A 210 -23.68 5.14 10.71
C GLY A 210 -22.69 3.99 10.80
N TYR A 211 -21.74 4.02 9.88
CA TYR A 211 -20.70 3.01 9.70
C TYR A 211 -19.43 3.39 10.48
N GLY A 212 -18.71 2.38 10.94
CA GLY A 212 -17.39 2.59 11.52
C GLY A 212 -16.38 1.63 10.92
N CYS A 213 -15.12 2.10 10.82
CA CYS A 213 -14.07 1.25 10.28
C CYS A 213 -13.88 0.01 11.15
N PRO A 214 -13.46 -1.11 10.57
CA PRO A 214 -13.12 -2.29 11.38
C PRO A 214 -12.12 -1.92 12.46
N PRO A 215 -12.47 -2.09 13.73
CA PRO A 215 -11.66 -1.50 14.80
C PRO A 215 -10.23 -2.01 14.85
N GLN A 216 -9.96 -3.24 14.40
CA GLN A 216 -8.61 -3.79 14.41
C GLN A 216 -7.90 -3.62 13.08
N GLY A 217 -8.52 -2.99 12.09
CA GLY A 217 -7.97 -2.89 10.77
C GLY A 217 -6.94 -1.78 10.59
N ALA A 218 -6.24 -1.86 9.47
CA ALA A 218 -5.17 -0.92 9.17
C ALA A 218 -5.67 0.51 9.09
N THR A 219 -6.87 0.73 8.54
CA THR A 219 -7.35 2.09 8.41
C THR A 219 -7.53 2.72 9.78
N GLN A 220 -8.20 2.02 10.70
CA GLN A 220 -8.36 2.57 12.04
C GLN A 220 -7.04 2.71 12.76
N GLN A 221 -6.09 1.81 12.50
CA GLN A 221 -4.78 1.93 13.13
C GLN A 221 -4.13 3.27 12.79
N LEU A 222 -4.14 3.65 11.51
CA LEU A 222 -3.53 4.93 11.12
C LEU A 222 -4.36 6.11 11.62
N LEU A 223 -5.69 6.03 11.49
CA LEU A 223 -6.55 7.07 12.04
C LEU A 223 -6.25 7.31 13.51
N ASP A 224 -6.12 6.22 14.28
CA ASP A 224 -5.75 6.35 15.69
C ASP A 224 -4.44 7.11 15.86
N ARG A 225 -3.44 6.82 15.03
CA ARG A 225 -2.17 7.53 15.12
C ARG A 225 -2.31 9.00 14.80
N LEU A 226 -3.27 9.36 13.94
CA LEU A 226 -3.51 10.74 13.58
C LEU A 226 -4.39 11.46 14.59
N GLY A 227 -4.97 10.73 15.55
CA GLY A 227 -5.90 11.31 16.48
C GLY A 227 -7.31 11.47 15.92
N ARG A 228 -7.69 10.60 14.99
CA ARG A 228 -8.93 10.72 14.25
C ARG A 228 -9.84 9.52 14.47
N HIS A 229 -11.15 9.77 14.50
CA HIS A 229 -12.12 8.70 14.56
C HIS A 229 -12.38 8.13 13.16
N GLY A 230 -12.95 6.92 13.13
CA GLY A 230 -13.21 6.28 11.85
C GLY A 230 -14.67 6.06 11.54
N ASN A 231 -15.51 7.02 11.89
CA ASN A 231 -16.96 6.88 11.82
C ASN A 231 -17.57 7.72 10.69
N ARG A 232 -18.68 7.21 10.15
CA ARG A 232 -19.52 7.94 9.21
C ARG A 232 -20.89 8.19 9.82
N PRO A 233 -21.53 9.32 9.49
CA PRO A 233 -22.94 9.48 9.85
C PRO A 233 -23.79 8.51 9.06
N ALA A 234 -25.03 8.30 9.53
CA ALA A 234 -25.96 7.46 8.78
C ALA A 234 -26.21 8.07 7.41
N HIS A 235 -26.27 7.22 6.39
CA HIS A 235 -26.39 7.70 5.01
C HIS A 235 -26.94 6.58 4.15
N VAL A 236 -27.31 6.94 2.93
CA VAL A 236 -27.83 6.01 1.94
C VAL A 236 -27.12 6.31 0.64
N HIS A 237 -26.62 5.26 -0.03
CA HIS A 237 -25.92 5.40 -1.31
C HIS A 237 -26.89 5.25 -2.48
N PHE A 238 -26.56 5.95 -3.58
CA PHE A 238 -27.27 5.81 -4.84
C PHE A 238 -26.33 5.82 -6.05
N PHE A 239 -26.64 4.96 -7.02
CA PHE A 239 -26.26 5.12 -8.42
C PHE A 239 -27.53 5.45 -9.17
N VAL A 240 -27.45 6.34 -10.16
CA VAL A 240 -28.53 6.49 -11.12
C VAL A 240 -27.95 6.43 -12.53
N THR A 241 -28.46 5.49 -13.33
CA THR A 241 -28.01 5.29 -14.70
CA THR A 241 -28.01 5.26 -14.70
C THR A 241 -29.18 5.47 -15.65
N SER A 242 -28.94 6.15 -16.77
CA SER A 242 -29.99 6.44 -17.74
C SER A 242 -29.35 6.65 -19.10
N ASP A 243 -29.88 5.97 -20.12
CA ASP A 243 -29.45 6.21 -21.48
C ASP A 243 -29.46 7.70 -21.78
N GLY A 244 -28.36 8.21 -22.34
CA GLY A 244 -28.28 9.61 -22.67
C GLY A 244 -27.96 10.54 -21.51
N HIS A 245 -27.77 10.02 -20.30
CA HIS A 245 -27.33 10.82 -19.16
C HIS A 245 -26.09 10.19 -18.56
N ARG A 246 -25.29 11.02 -17.88
CA ARG A 246 -24.11 10.48 -17.21
C ARG A 246 -24.52 9.74 -15.95
N LYS A 247 -23.72 8.76 -15.57
CA LYS A 247 -24.04 7.95 -14.39
C LYS A 247 -23.77 8.76 -13.14
N LEU A 248 -24.80 8.96 -12.32
CA LEU A 248 -24.68 9.74 -11.08
C LEU A 248 -24.30 8.79 -9.95
N THR A 249 -23.23 9.15 -9.23
CA THR A 249 -22.87 8.52 -7.96
C THR A 249 -23.12 9.54 -6.85
N THR A 250 -23.98 9.21 -5.90
CA THR A 250 -24.28 10.19 -4.85
C THR A 250 -24.74 9.45 -3.60
N GLN A 251 -25.13 10.24 -2.59
CA GLN A 251 -25.68 9.74 -1.35
CA GLN A 251 -25.62 9.76 -1.32
C GLN A 251 -26.56 10.83 -0.76
N PHE A 252 -27.29 10.47 0.30
CA PHE A 252 -27.74 11.55 1.19
C PHE A 252 -27.51 11.12 2.62
N ASN A 253 -27.36 12.11 3.50
CA ASN A 253 -27.16 11.84 4.90
C ASN A 253 -28.47 11.98 5.65
N ILE A 254 -28.61 11.20 6.72
CA ILE A 254 -29.82 11.26 7.53
C ILE A 254 -29.75 12.52 8.39
N GLU A 255 -30.77 13.37 8.25
CA GLU A 255 -30.86 14.61 8.99
C GLU A 255 -30.69 14.37 10.49
N GLY A 256 -29.92 15.25 11.12
CA GLY A 256 -29.79 15.23 12.56
C GLY A 256 -28.75 14.29 13.12
N ASP A 257 -28.06 13.52 12.27
CA ASP A 257 -27.00 12.66 12.77
C ASP A 257 -25.89 13.55 13.34
N PRO A 258 -25.42 13.28 14.56
CA PRO A 258 -24.38 14.16 15.16
C PRO A 258 -23.07 14.17 14.39
N LEU A 259 -22.77 13.14 13.61
CA LEU A 259 -21.56 13.05 12.83
C LEU A 259 -21.71 13.63 11.43
N ILE A 260 -22.83 14.32 11.16
CA ILE A 260 -23.18 14.65 9.79
C ILE A 260 -22.14 15.56 9.15
N TRP A 261 -21.50 16.45 9.92
CA TRP A 261 -20.44 17.28 9.38
C TRP A 261 -19.07 16.85 9.92
N ASP A 262 -18.95 15.59 10.30
CA ASP A 262 -17.72 15.04 10.86
C ASP A 262 -17.48 13.64 10.34
N ASP A 263 -17.81 13.44 9.06
CA ASP A 263 -17.59 12.18 8.37
C ASP A 263 -16.10 11.95 8.19
N PHE A 264 -15.62 10.78 8.61
CA PHE A 264 -14.21 10.47 8.41
C PHE A 264 -13.83 10.35 6.93
N ALA A 265 -14.81 10.26 6.03
CA ALA A 265 -14.57 10.15 4.59
C ALA A 265 -14.96 11.43 3.85
N TYR A 266 -15.34 12.47 4.58
CA TYR A 266 -15.45 13.83 4.04
C TYR A 266 -16.46 13.92 2.89
N ALA A 267 -17.55 13.17 2.98
CA ALA A 267 -18.48 13.02 1.87
C ALA A 267 -19.72 13.89 1.94
N THR A 268 -19.95 14.60 3.05
CA THR A 268 -21.21 15.30 3.23
C THR A 268 -21.26 16.56 2.36
N ARG A 269 -22.43 16.82 1.78
CA ARG A 269 -22.66 18.02 0.99
C ARG A 269 -23.99 18.65 1.43
N GLU A 270 -24.03 19.99 1.44
CA GLU A 270 -25.22 20.69 1.95
C GLU A 270 -26.48 20.33 1.17
N GLU A 271 -26.36 20.07 -0.14
CA GLU A 271 -27.52 19.74 -0.95
C GLU A 271 -28.00 18.30 -0.74
N LEU A 272 -27.28 17.50 0.03
CA LEU A 272 -27.58 16.07 0.15
C LEU A 272 -28.04 15.72 1.57
N ILE A 273 -28.85 16.58 2.18
CA ILE A 273 -29.38 16.36 3.52
C ILE A 273 -30.88 16.66 3.48
N PRO A 274 -31.70 15.77 2.92
CA PRO A 274 -33.13 16.08 2.79
C PRO A 274 -33.83 16.01 4.13
N PRO A 275 -34.91 16.78 4.32
CA PRO A 275 -35.63 16.71 5.59
C PRO A 275 -36.26 15.34 5.80
N VAL A 276 -36.27 14.91 7.05
CA VAL A 276 -36.91 13.66 7.46
C VAL A 276 -38.17 14.01 8.23
N THR A 277 -39.28 13.37 7.88
CA THR A 277 -40.55 13.62 8.53
C THR A 277 -41.17 12.31 8.97
N THR A 278 -41.75 12.31 10.17
CA THR A 278 -42.46 11.13 10.67
C THR A 278 -43.90 11.17 10.13
N LYS A 279 -44.33 10.05 9.57
CA LYS A 279 -45.66 9.92 9.00
C LYS A 279 -46.35 8.70 9.58
N THR A 280 -47.67 8.63 9.41
CA THR A 280 -48.45 7.48 9.82
C THR A 280 -49.06 6.81 8.59
N GLY A 281 -49.75 5.71 8.83
CA GLY A 281 -50.28 4.92 7.74
C GLY A 281 -49.28 3.95 7.15
N GLY A 282 -48.29 3.51 7.93
CA GLY A 282 -47.26 2.64 7.40
C GLY A 282 -47.77 1.28 6.96
N ALA A 283 -48.81 0.77 7.61
CA ALA A 283 -49.31 -0.56 7.25
C ALA A 283 -49.77 -0.59 5.79
N ALA A 284 -50.42 0.48 5.34
CA ALA A 284 -50.91 0.55 3.96
C ALA A 284 -49.78 0.57 2.94
N LEU A 285 -48.56 0.91 3.35
CA LEU A 285 -47.39 0.84 2.47
C LEU A 285 -46.59 -0.44 2.67
N GLY A 286 -47.18 -1.44 3.33
CA GLY A 286 -46.48 -2.70 3.53
C GLY A 286 -45.39 -2.67 4.56
N LEU A 287 -45.39 -1.66 5.43
CA LEU A 287 -44.35 -1.47 6.43
C LEU A 287 -44.71 -2.20 7.72
N LYS A 288 -43.70 -2.39 8.57
CA LYS A 288 -43.86 -3.16 9.79
C LYS A 288 -44.47 -2.36 10.94
N ALA A 289 -44.71 -1.06 10.77
CA ALA A 289 -45.29 -0.25 11.82
C ALA A 289 -46.17 0.83 11.18
N ASP A 290 -47.08 1.38 11.99
CA ASP A 290 -47.91 2.48 11.50
C ASP A 290 -47.08 3.74 11.29
N ALA A 291 -46.22 4.06 12.26
CA ALA A 291 -45.33 5.21 12.16
C ALA A 291 -44.07 4.82 11.40
N TYR A 292 -43.66 5.68 10.47
CA TYR A 292 -42.44 5.47 9.72
C TYR A 292 -41.79 6.81 9.43
N GLN A 293 -40.56 6.76 8.96
CA GLN A 293 -39.81 7.96 8.57
C GLN A 293 -39.86 8.09 7.06
N ASP A 294 -40.11 9.30 6.59
CA ASP A 294 -40.30 9.54 5.16
C ASP A 294 -39.32 10.58 4.67
N ILE A 295 -38.70 10.31 3.53
CA ILE A 295 -37.72 11.20 2.95
C ILE A 295 -38.04 11.39 1.48
N THR A 296 -38.30 12.62 1.08
CA THR A 296 -38.42 12.97 -0.33
C THR A 296 -37.04 13.40 -0.82
N PHE A 297 -36.58 12.78 -1.90
CA PHE A 297 -35.26 13.08 -2.44
C PHE A 297 -35.31 12.97 -3.95
N ASP A 298 -35.05 14.08 -4.63
CA ASP A 298 -35.12 14.15 -6.08
C ASP A 298 -33.72 14.07 -6.68
N PHE A 299 -33.63 13.45 -7.87
CA PHE A 299 -32.41 13.40 -8.63
C PHE A 299 -32.53 14.27 -9.87
N VAL A 300 -31.47 15.01 -10.17
CA VAL A 300 -31.36 15.76 -11.42
C VAL A 300 -30.11 15.26 -12.12
N LEU A 301 -30.28 14.73 -13.33
CA LEU A 301 -29.20 14.11 -14.08
C LEU A 301 -28.56 15.12 -15.04
N THR A 302 -27.34 14.80 -15.47
CA THR A 302 -26.67 15.62 -16.47
C THR A 302 -26.54 14.86 -17.79
N PRO A 303 -26.51 15.56 -18.92
CA PRO A 303 -26.47 14.87 -20.21
C PRO A 303 -25.09 14.32 -20.55
N ARG A 304 -25.11 13.26 -21.38
CA ARG A 304 -23.91 12.57 -21.83
CA ARG A 304 -23.91 12.57 -21.83
C ARG A 304 -23.44 13.25 -23.11
N VAL A 305 -22.54 14.22 -22.97
CA VAL A 305 -22.10 15.05 -24.09
C VAL A 305 -21.11 14.28 -24.95
N GLY A 306 -21.30 14.38 -26.27
CA GLY A 306 -20.45 13.63 -27.19
C GLY A 306 -20.69 12.14 -27.18
N GLY A 307 -21.84 11.70 -26.68
CA GLY A 307 -22.14 10.29 -26.58
C GLY A 307 -21.33 9.51 -25.58
N ALA A 308 -20.37 10.15 -24.90
CA ALA A 308 -19.46 9.46 -24.00
C ALA A 308 -19.61 10.01 -22.58
N ASP A 309 -19.61 9.11 -21.60
CA ASP A 309 -19.73 9.50 -20.20
C ASP A 309 -18.32 9.78 -19.69
N ASN A 310 -18.01 11.06 -19.55
CA ASN A 310 -16.65 11.50 -19.24
C ASN A 310 -16.32 11.42 -17.74
N GLN A 311 -17.21 10.89 -16.91
CA GLN A 311 -16.91 10.82 -15.49
C GLN A 311 -17.28 9.47 -14.84
N ILE A 312 -17.77 8.51 -15.61
CA ILE A 312 -18.06 7.19 -15.04
C ILE A 312 -16.75 6.52 -14.64
N VAL A 313 -16.79 5.78 -13.54
CA VAL A 313 -15.58 5.28 -12.90
C VAL A 313 -15.58 3.76 -12.91
N GLU A 314 -14.46 3.18 -13.32
CA GLU A 314 -14.23 1.74 -13.26
C GLU A 314 -13.34 1.43 -12.05
N ARG A 315 -13.82 0.61 -11.13
CA ARG A 315 -13.01 0.17 -10.00
C ARG A 315 -13.50 -1.21 -9.60
N PRO A 316 -12.66 -1.98 -8.91
CA PRO A 316 -13.13 -3.28 -8.41
C PRO A 316 -14.38 -3.12 -7.57
N ARG A 317 -15.38 -3.98 -7.83
CA ARG A 317 -16.64 -3.96 -7.11
C ARG A 317 -17.09 -5.39 -6.88
N ALA A 318 -17.64 -5.65 -5.70
CA ALA A 318 -18.13 -6.97 -5.37
C ALA A 318 -19.34 -7.33 -6.23
N SER A 319 -19.60 -8.63 -6.31
CA SER A 319 -20.71 -9.13 -7.11
C SER A 319 -21.10 -10.50 -6.59
N VAL A 320 -22.24 -10.99 -7.05
CA VAL A 320 -22.72 -12.31 -6.66
C VAL A 320 -23.56 -12.91 -7.80
N ILE B 11 -7.28 21.20 -15.91
CA ILE B 11 -7.99 21.55 -14.67
C ILE B 11 -7.10 21.34 -13.44
N LYS B 12 -6.97 22.37 -12.60
CA LYS B 12 -6.09 22.32 -11.43
C LYS B 12 -6.84 22.79 -10.20
N VAL B 13 -6.87 21.96 -9.16
CA VAL B 13 -7.61 22.28 -7.94
C VAL B 13 -6.72 22.31 -6.72
N PHE B 14 -5.44 21.94 -6.84
CA PHE B 14 -4.64 21.69 -5.63
C PHE B 14 -4.59 22.92 -4.72
N GLU B 15 -4.48 24.12 -5.30
CA GLU B 15 -4.31 25.31 -4.48
C GLU B 15 -5.62 25.86 -3.92
N THR B 16 -6.76 25.25 -4.26
CA THR B 16 -8.05 25.74 -3.76
C THR B 16 -8.16 25.56 -2.26
N ARG B 17 -8.94 26.43 -1.63
CA ARG B 17 -9.12 26.37 -0.18
C ARG B 17 -9.69 25.02 0.23
N GLU B 18 -10.62 24.49 -0.57
CA GLU B 18 -11.26 23.23 -0.19
C GLU B 18 -10.25 22.10 -0.14
N VAL B 19 -9.32 22.05 -1.10
CA VAL B 19 -8.32 20.99 -1.08
C VAL B 19 -7.35 21.18 0.08
N GLN B 20 -6.93 22.42 0.32
CA GLN B 20 -6.02 22.70 1.42
C GLN B 20 -6.66 22.35 2.75
N ASP B 21 -7.94 22.70 2.93
CA ASP B 21 -8.67 22.33 4.14
C ASP B 21 -8.81 20.83 4.28
N LEU B 22 -9.07 20.13 3.16
CA LEU B 22 -9.18 18.68 3.21
C LEU B 22 -7.87 18.05 3.64
N LEU B 23 -6.76 18.52 3.08
CA LEU B 23 -5.45 18.02 3.47
C LEU B 23 -5.20 18.21 4.95
N LYS B 24 -5.54 19.40 5.46
CA LYS B 24 -5.33 19.68 6.89
C LYS B 24 -6.20 18.77 7.76
N ALA B 25 -7.47 18.56 7.36
CA ALA B 25 -8.34 17.73 8.18
C ALA B 25 -7.89 16.28 8.17
N ALA B 26 -7.54 15.77 7.00
CA ALA B 26 -7.22 14.34 6.90
C ALA B 26 -5.98 13.98 7.71
N SER B 27 -5.07 14.95 7.91
CA SER B 27 -3.78 14.70 8.55
CA SER B 27 -3.77 14.71 8.54
C SER B 27 -3.69 15.21 9.98
N SER B 28 -4.79 15.68 10.57
CA SER B 28 -4.74 16.23 11.92
CA SER B 28 -4.77 16.26 11.91
C SER B 28 -5.76 15.53 12.82
N ALA B 29 -5.62 15.74 14.12
CA ALA B 29 -6.54 15.13 15.07
C ALA B 29 -7.91 15.83 15.02
N ASN B 30 -8.93 15.10 15.44
CA ASN B 30 -10.26 15.72 15.57
C ASN B 30 -10.17 16.72 16.69
N SER B 35 -7.80 11.73 22.01
CA SER B 35 -6.38 11.60 21.73
C SER B 35 -5.89 12.66 20.75
N THR B 36 -4.67 13.14 21.00
CA THR B 36 -4.11 14.22 20.19
C THR B 36 -3.32 13.70 19.00
N GLY B 37 -3.03 12.40 18.95
CA GLY B 37 -2.30 11.83 17.84
C GLY B 37 -0.80 12.00 17.95
N ASP B 38 -0.10 11.36 17.01
CA ASP B 38 1.36 11.41 16.96
C ASP B 38 1.77 12.53 16.00
N ALA B 39 2.47 13.54 16.53
CA ALA B 39 2.76 14.73 15.73
C ALA B 39 3.62 14.38 14.51
N ARG B 40 4.58 13.47 14.68
CA ARG B 40 5.43 13.09 13.56
C ARG B 40 4.64 12.36 12.48
N THR B 41 3.73 11.46 12.85
CA THR B 41 2.92 10.79 11.84
C THR B 41 2.04 11.79 11.10
N GLN B 42 1.45 12.73 11.84
CA GLN B 42 0.64 13.78 11.23
C GLN B 42 1.47 14.60 10.24
N GLN B 43 2.70 14.95 10.61
CA GLN B 43 3.56 15.74 9.73
C GLN B 43 3.88 14.99 8.44
N ILE B 44 4.21 13.71 8.55
CA ILE B 44 4.59 12.94 7.37
C ILE B 44 3.38 12.68 6.48
N VAL B 45 2.23 12.39 7.09
CA VAL B 45 1.02 12.13 6.30
C VAL B 45 0.61 13.40 5.55
N LEU B 46 0.65 14.56 6.23
CA LEU B 46 0.34 15.82 5.56
C LEU B 46 1.21 16.00 4.32
N ARG B 47 2.51 15.71 4.44
CA ARG B 47 3.43 15.92 3.34
C ARG B 47 3.16 14.92 2.20
N LEU B 48 3.02 13.64 2.55
CA LEU B 48 2.84 12.63 1.51
C LEU B 48 1.46 12.73 0.86
N LEU B 49 0.43 13.01 1.66
CA LEU B 49 -0.89 13.16 1.07
C LEU B 49 -0.95 14.40 0.18
N GLY B 50 -0.38 15.51 0.64
CA GLY B 50 -0.31 16.69 -0.20
C GLY B 50 0.46 16.45 -1.49
N ASP B 51 1.59 15.75 -1.40
CA ASP B 51 2.34 15.45 -2.62
C ASP B 51 1.51 14.58 -3.56
N LEU B 52 0.80 13.59 -3.03
CA LEU B 52 -0.01 12.73 -3.88
C LEU B 52 -1.11 13.53 -4.59
N PHE B 53 -1.82 14.36 -3.84
CA PHE B 53 -2.86 15.20 -4.43
C PHE B 53 -2.29 16.10 -5.52
N LYS B 54 -1.10 16.67 -5.30
CA LYS B 54 -0.54 17.58 -6.29
C LYS B 54 -0.11 16.82 -7.55
N ALA B 55 0.44 15.62 -7.37
CA ALA B 55 0.81 14.82 -8.53
C ALA B 55 -0.42 14.42 -9.36
N ILE B 56 -1.52 14.05 -8.68
CA ILE B 56 -2.77 13.74 -9.37
C ILE B 56 -3.24 14.95 -10.17
N ASP B 57 -3.18 16.13 -9.56
CA ASP B 57 -3.52 17.38 -10.24
C ASP B 57 -2.60 17.63 -11.44
N ASP B 58 -1.29 17.47 -11.25
CA ASP B 58 -0.32 17.84 -12.27
C ASP B 58 -0.35 16.88 -13.45
N LEU B 59 -0.46 15.58 -13.18
CA LEU B 59 -0.42 14.55 -14.21
C LEU B 59 -1.81 14.17 -14.70
N ASP B 60 -2.85 14.81 -14.17
CA ASP B 60 -4.24 14.50 -14.49
C ASP B 60 -4.51 13.01 -14.31
N ILE B 61 -4.12 12.48 -13.15
CA ILE B 61 -4.37 11.07 -12.87
C ILE B 61 -5.86 10.85 -12.67
N THR B 62 -6.45 9.93 -13.44
CA THR B 62 -7.89 9.76 -13.47
C THR B 62 -8.36 8.92 -12.29
N PRO B 63 -9.64 9.03 -11.91
CA PRO B 63 -10.19 8.07 -10.93
C PRO B 63 -9.90 6.62 -11.28
N ASP B 64 -10.08 6.20 -12.54
CA ASP B 64 -9.77 4.83 -12.91
C ASP B 64 -8.32 4.48 -12.57
N GLU B 65 -7.38 5.38 -12.88
CA GLU B 65 -5.98 5.14 -12.54
C GLU B 65 -5.77 5.08 -11.04
N VAL B 66 -6.42 5.97 -10.28
CA VAL B 66 -6.24 5.94 -8.83
C VAL B 66 -6.77 4.61 -8.27
N TRP B 67 -7.96 4.19 -8.69
CA TRP B 67 -8.52 2.95 -8.16
C TRP B 67 -7.71 1.74 -8.58
N ALA B 68 -7.06 1.78 -9.75
CA ALA B 68 -6.15 0.70 -10.10
C ALA B 68 -4.96 0.68 -9.17
N GLY B 69 -4.43 1.85 -8.82
CA GLY B 69 -3.34 1.91 -7.86
C GLY B 69 -3.76 1.46 -6.49
N VAL B 70 -4.96 1.86 -6.05
CA VAL B 70 -5.50 1.41 -4.78
C VAL B 70 -5.62 -0.12 -4.77
N ASN B 71 -6.11 -0.69 -5.88
CA ASN B 71 -6.23 -2.15 -5.97
C ASN B 71 -4.86 -2.81 -5.95
N TYR B 72 -3.88 -2.17 -6.57
CA TYR B 72 -2.52 -2.70 -6.56
C TYR B 72 -1.96 -2.73 -5.13
N LEU B 73 -2.23 -1.68 -4.35
CA LEU B 73 -1.77 -1.70 -2.97
C LEU B 73 -2.41 -2.85 -2.18
N ASN B 74 -3.68 -3.14 -2.45
CA ASN B 74 -4.29 -4.30 -1.81
C ASN B 74 -3.52 -5.56 -2.14
N LYS B 75 -3.20 -5.76 -3.42
CA LYS B 75 -2.46 -6.95 -3.82
C LYS B 75 -1.06 -6.98 -3.21
N LEU B 76 -0.37 -5.83 -3.22
CA LEU B 76 0.98 -5.77 -2.68
C LEU B 76 1.01 -6.25 -1.24
N GLY B 77 0.08 -5.78 -0.41
CA GLY B 77 0.06 -6.19 0.97
C GLY B 77 -0.43 -7.61 1.14
N GLN B 78 -1.39 -8.03 0.31
CA GLN B 78 -1.85 -9.41 0.35
CA GLN B 78 -1.85 -9.41 0.35
C GLN B 78 -0.71 -10.37 0.07
N ASP B 79 0.16 -10.02 -0.88
CA ASP B 79 1.34 -10.82 -1.20
C ASP B 79 2.45 -10.70 -0.17
N GLY B 80 2.31 -9.78 0.79
CA GLY B 80 3.37 -9.53 1.75
C GLY B 80 4.64 -9.00 1.13
N GLU B 81 4.54 -8.22 0.07
CA GLU B 81 5.70 -7.84 -0.73
C GLU B 81 6.08 -6.36 -0.65
N ALA B 82 5.52 -5.58 0.27
CA ALA B 82 5.85 -4.14 0.24
C ALA B 82 7.34 -3.91 0.40
N ALA B 83 8.04 -4.73 1.19
CA ALA B 83 9.48 -4.54 1.37
C ALA B 83 10.25 -4.98 0.14
N LEU B 84 9.70 -5.93 -0.62
CA LEU B 84 10.33 -6.30 -1.87
C LEU B 84 10.18 -5.17 -2.90
N LEU B 85 9.01 -4.52 -2.93
CA LEU B 85 8.87 -3.40 -3.86
C LEU B 85 9.75 -2.22 -3.43
N ALA B 86 9.90 -2.02 -2.12
CA ALA B 86 10.81 -0.98 -1.64
C ALA B 86 12.22 -1.19 -2.18
N ALA B 87 12.66 -2.46 -2.23
CA ALA B 87 13.95 -2.75 -2.83
C ALA B 87 13.93 -2.54 -4.33
N GLY B 88 12.87 -3.01 -5.00
CA GLY B 88 12.84 -2.96 -6.46
C GLY B 88 12.72 -1.55 -7.02
N LEU B 89 12.13 -0.62 -6.26
CA LEU B 89 12.03 0.76 -6.73
C LEU B 89 13.19 1.61 -6.26
N GLY B 90 14.24 1.01 -5.67
CA GLY B 90 15.40 1.79 -5.29
C GLY B 90 15.23 2.57 -4.00
N LEU B 91 14.08 2.46 -3.35
CA LEU B 91 13.89 3.15 -2.08
C LEU B 91 14.85 2.63 -1.03
N GLU B 92 15.07 1.31 -1.00
CA GLU B 92 16.00 0.77 -0.01
C GLU B 92 17.42 1.27 -0.29
N LYS B 93 17.85 1.26 -1.54
CA LYS B 93 19.14 1.85 -1.89
C LYS B 93 19.19 3.33 -1.52
N TYR B 94 18.08 4.06 -1.72
CA TYR B 94 18.06 5.48 -1.38
C TYR B 94 18.39 5.70 0.10
N LEU B 95 17.87 4.84 0.97
CA LEU B 95 18.19 4.97 2.40
C LEU B 95 19.68 4.84 2.66
N ASP B 96 20.35 3.96 1.91
CA ASP B 96 21.79 3.85 2.04
C ASP B 96 22.50 5.11 1.53
N ILE B 97 22.00 5.69 0.44
CA ILE B 97 22.59 6.92 -0.06
C ILE B 97 22.54 8.00 1.02
N ARG B 98 21.38 8.15 1.68
CA ARG B 98 21.28 9.15 2.72
C ARG B 98 22.18 8.82 3.90
N MET B 99 22.25 7.55 4.29
CA MET B 99 23.15 7.19 5.39
C MET B 99 24.60 7.42 5.01
N ASP B 100 24.98 7.13 3.76
CA ASP B 100 26.34 7.38 3.31
C ASP B 100 26.70 8.86 3.38
N ALA B 101 25.79 9.73 2.91
CA ALA B 101 26.06 11.16 2.97
C ALA B 101 26.17 11.64 4.41
N ALA B 102 25.35 11.09 5.31
CA ALA B 102 25.45 11.48 6.71
C ALA B 102 26.81 11.11 7.28
N ASP B 103 27.27 9.89 7.02
CA ASP B 103 28.59 9.46 7.50
C ASP B 103 29.69 10.36 6.93
N ALA B 104 29.63 10.65 5.64
CA ALA B 104 30.68 11.44 5.01
C ALA B 104 30.77 12.84 5.62
N ALA B 105 29.63 13.44 5.95
CA ALA B 105 29.64 14.72 6.64
C ALA B 105 30.30 14.63 8.00
N LEU B 106 30.19 13.48 8.68
CA LEU B 106 30.79 13.27 9.98
C LEU B 106 32.12 12.52 9.92
N GLY B 107 32.63 12.25 8.72
CA GLY B 107 33.87 11.50 8.60
C GLY B 107 33.79 10.09 9.15
N LEU B 108 32.61 9.49 9.19
CA LEU B 108 32.43 8.11 9.63
C LEU B 108 32.43 7.13 8.47
N ASP B 109 33.28 7.37 7.48
CA ASP B 109 33.47 6.55 6.30
C ASP B 109 34.83 5.87 6.43
N GLY B 110 35.14 5.02 5.48
CA GLY B 110 36.40 4.31 5.48
C GLY B 110 36.29 2.89 6.00
N GLY B 111 35.16 2.56 6.62
CA GLY B 111 34.86 1.19 6.93
C GLY B 111 34.41 0.49 5.68
N THR B 112 34.18 -0.81 5.79
CA THR B 112 33.56 -1.52 4.69
C THR B 112 32.25 -0.82 4.32
N PRO B 113 32.00 -0.56 3.04
CA PRO B 113 30.76 0.14 2.66
C PRO B 113 29.52 -0.68 2.96
N ARG B 114 28.47 0.02 3.37
CA ARG B 114 27.17 -0.63 3.54
C ARG B 114 26.53 -0.94 2.19
N THR B 115 25.61 -1.90 2.20
CA THR B 115 24.62 -1.98 1.13
C THR B 115 23.35 -2.55 1.74
N ILE B 116 22.32 -2.76 0.90
CA ILE B 116 20.98 -2.97 1.43
C ILE B 116 20.88 -4.30 2.15
N GLU B 117 20.03 -4.33 3.18
CA GLU B 117 19.74 -5.57 3.89
C GLU B 117 18.90 -6.52 3.05
N GLY B 118 17.94 -5.99 2.30
CA GLY B 118 16.92 -6.83 1.68
C GLY B 118 15.94 -7.34 2.73
N PRO B 119 14.90 -8.04 2.29
CA PRO B 119 13.80 -8.38 3.20
C PRO B 119 13.87 -9.80 3.75
N LEU B 120 15.00 -10.49 3.63
CA LEU B 120 15.02 -11.92 3.90
C LEU B 120 15.91 -12.33 5.08
N TYR B 121 16.28 -11.40 5.96
CA TYR B 121 16.97 -11.79 7.19
C TYR B 121 16.04 -12.60 8.11
N VAL B 122 16.64 -13.52 8.86
CA VAL B 122 15.92 -14.30 9.85
C VAL B 122 16.76 -14.34 11.12
N ALA B 123 16.18 -13.92 12.24
CA ALA B 123 16.90 -13.91 13.50
C ALA B 123 16.94 -15.30 14.13
N GLY B 124 17.99 -15.53 14.91
CA GLY B 124 18.05 -16.72 15.73
C GLY B 124 18.99 -17.82 15.28
N ALA B 125 19.83 -17.60 14.28
CA ALA B 125 20.70 -18.67 13.84
C ALA B 125 21.70 -18.99 14.95
N PRO B 126 22.15 -20.24 15.05
CA PRO B 126 23.05 -20.62 16.13
C PRO B 126 24.40 -19.92 15.98
N VAL B 127 24.91 -19.42 17.10
CA VAL B 127 26.15 -18.66 17.12
C VAL B 127 27.30 -19.61 17.42
N ARG B 128 28.33 -19.58 16.58
CA ARG B 128 29.50 -20.42 16.74
C ARG B 128 30.72 -19.55 17.01
N ASP B 129 31.68 -20.11 17.72
CA ASP B 129 32.96 -19.45 17.89
C ASP B 129 33.83 -19.71 16.68
N GLY B 130 34.33 -18.64 16.07
CA GLY B 130 35.34 -18.74 15.02
C GLY B 130 34.92 -19.19 13.64
N VAL B 131 34.15 -20.28 13.55
CA VAL B 131 33.79 -20.85 12.27
CA VAL B 131 33.80 -20.89 12.27
C VAL B 131 32.41 -21.50 12.38
N ALA B 132 31.66 -21.45 11.29
CA ALA B 132 30.34 -22.06 11.22
C ALA B 132 30.15 -22.73 9.87
N LYS B 133 29.62 -23.96 9.88
CA LYS B 133 29.19 -24.64 8.66
C LYS B 133 27.69 -24.46 8.55
N ILE B 134 27.24 -23.80 7.49
CA ILE B 134 25.86 -23.33 7.45
C ILE B 134 25.00 -24.02 6.40
N ASP B 135 25.55 -24.89 5.56
CA ASP B 135 24.72 -25.63 4.60
C ASP B 135 24.23 -26.91 5.27
N LEU B 136 22.95 -26.94 5.62
CA LEU B 136 22.37 -28.11 6.28
C LEU B 136 21.70 -29.06 5.30
N ASP B 137 21.14 -28.54 4.22
CA ASP B 137 20.41 -29.31 3.22
C ASP B 137 21.29 -29.56 2.02
N ALA B 138 21.29 -30.80 1.54
CA ALA B 138 22.01 -31.12 0.31
C ALA B 138 21.46 -30.29 -0.85
N ASP B 139 22.36 -29.88 -1.73
CA ASP B 139 22.01 -29.09 -2.91
C ASP B 139 22.99 -29.48 -4.00
N ALA B 140 22.56 -30.39 -4.88
CA ALA B 140 23.46 -30.90 -5.91
C ALA B 140 23.81 -29.85 -6.96
N GLY B 141 23.04 -28.77 -7.03
CA GLY B 141 23.34 -27.69 -7.96
C GLY B 141 24.28 -26.63 -7.42
N ALA B 142 24.84 -26.82 -6.22
CA ALA B 142 25.67 -25.79 -5.60
C ALA B 142 26.95 -26.43 -5.10
N GLY B 143 28.09 -25.95 -5.59
CA GLY B 143 29.37 -26.44 -5.13
C GLY B 143 29.77 -25.81 -3.82
N PRO B 144 30.74 -26.40 -3.13
CA PRO B 144 31.14 -25.87 -1.83
C PRO B 144 31.84 -24.53 -1.96
N LEU B 145 31.60 -23.66 -0.98
CA LEU B 145 32.14 -22.32 -0.96
C LEU B 145 32.60 -21.99 0.46
N VAL B 146 33.79 -21.42 0.58
CA VAL B 146 34.33 -20.98 1.86
C VAL B 146 34.53 -19.47 1.83
N ILE B 147 33.96 -18.78 2.82
CA ILE B 147 34.10 -17.33 2.96
C ILE B 147 34.82 -17.09 4.27
N HIS B 148 35.93 -16.33 4.22
CA HIS B 148 36.71 -16.11 5.42
C HIS B 148 37.37 -14.74 5.36
N GLY B 149 37.76 -14.25 6.53
CA GLY B 149 38.45 -12.97 6.62
C GLY B 149 38.60 -12.57 8.06
N THR B 150 38.90 -11.28 8.26
CA THR B 150 39.11 -10.72 9.59
C THR B 150 38.19 -9.53 9.78
N VAL B 151 37.71 -9.35 11.01
CA VAL B 151 37.02 -8.14 11.43
C VAL B 151 38.04 -7.24 12.10
N LYS B 152 38.20 -6.03 11.58
CA LYS B 152 39.20 -5.09 12.09
C LYS B 152 38.58 -3.71 12.28
N ASP B 153 39.28 -2.88 13.06
CA ASP B 153 38.87 -1.49 13.20
C ASP B 153 39.61 -0.63 12.19
N LEU B 154 39.40 0.69 12.28
CA LEU B 154 39.97 1.60 11.31
C LEU B 154 41.49 1.69 11.41
N ASP B 155 42.08 1.14 12.47
CA ASP B 155 43.52 1.05 12.60
C ASP B 155 44.08 -0.30 12.19
N GLY B 156 43.24 -1.21 11.72
CA GLY B 156 43.71 -2.53 11.33
C GLY B 156 43.87 -3.51 12.47
N LYS B 157 43.41 -3.17 13.71
CA LYS B 157 43.52 -4.11 14.80
C LYS B 157 42.32 -5.05 14.79
N PRO B 158 42.55 -6.34 15.02
CA PRO B 158 41.45 -7.30 15.04
C PRO B 158 40.43 -6.95 16.13
N VAL B 159 39.17 -7.23 15.82
CA VAL B 159 38.06 -7.01 16.73
C VAL B 159 37.62 -8.38 17.26
N ALA B 160 37.77 -8.58 18.57
CA ALA B 160 37.38 -9.83 19.19
C ALA B 160 35.96 -9.74 19.73
N GLY B 161 35.23 -10.85 19.66
CA GLY B 161 33.85 -10.85 20.10
C GLY B 161 32.87 -10.21 19.13
N ALA B 162 33.29 -9.92 17.91
CA ALA B 162 32.34 -9.42 16.93
C ALA B 162 31.45 -10.57 16.45
N LEU B 163 30.18 -10.26 16.16
CA LEU B 163 29.20 -11.24 15.71
C LEU B 163 28.99 -11.01 14.21
N VAL B 164 29.47 -11.95 13.41
CA VAL B 164 29.35 -11.90 11.95
C VAL B 164 28.22 -12.82 11.54
N GLU B 165 27.14 -12.28 10.97
CA GLU B 165 26.01 -13.09 10.52
C GLU B 165 25.97 -13.12 9.00
N CYS B 166 25.60 -14.28 8.45
CA CYS B 166 25.63 -14.55 7.02
C CYS B 166 24.28 -15.13 6.60
N TRP B 167 23.73 -14.70 5.46
CA TRP B 167 22.63 -15.48 4.88
C TRP B 167 22.64 -15.33 3.37
N HIS B 168 22.23 -16.41 2.67
CA HIS B 168 22.22 -16.40 1.20
C HIS B 168 21.32 -17.53 0.69
N ALA B 169 21.13 -17.52 -0.63
CA ALA B 169 20.20 -18.40 -1.34
C ALA B 169 20.86 -19.71 -1.76
N ASN B 170 20.02 -20.69 -2.09
CA ASN B 170 20.48 -21.97 -2.61
C ASN B 170 20.56 -21.91 -4.14
N SER B 171 20.81 -23.06 -4.81
CA SER B 171 21.00 -23.07 -6.26
C SER B 171 19.72 -22.81 -7.05
N HIS B 172 18.57 -22.83 -6.38
CA HIS B 172 17.31 -22.45 -7.01
C HIS B 172 16.95 -21.00 -6.72
N GLY B 173 17.86 -20.26 -6.08
CA GLY B 173 17.61 -18.87 -5.77
C GLY B 173 16.69 -18.64 -4.60
N PHE B 174 16.45 -19.67 -3.78
CA PHE B 174 15.55 -19.58 -2.65
C PHE B 174 16.31 -19.53 -1.32
N TYR B 175 15.74 -18.79 -0.37
CA TYR B 175 16.28 -18.72 0.98
C TYR B 175 15.48 -19.60 1.93
N SER B 176 16.16 -20.18 2.91
CA SER B 176 15.42 -20.88 3.96
C SER B 176 14.46 -19.91 4.63
N HIS B 177 13.32 -20.44 5.09
CA HIS B 177 12.23 -19.67 5.69
C HIS B 177 11.42 -18.88 4.66
N PHE B 178 11.90 -18.83 3.41
CA PHE B 178 11.17 -18.18 2.32
C PHE B 178 11.12 -19.05 1.07
N ASP B 179 11.19 -20.38 1.23
CA ASP B 179 11.31 -21.27 0.09
C ASP B 179 9.94 -21.83 -0.24
N PRO B 180 9.34 -21.48 -1.38
CA PRO B 180 7.97 -21.91 -1.64
C PRO B 180 7.84 -23.40 -1.88
N THR B 181 8.94 -24.11 -2.13
CA THR B 181 8.88 -25.55 -2.28
C THR B 181 8.93 -26.28 -0.96
N GLY B 182 9.23 -25.58 0.14
CA GLY B 182 9.34 -26.22 1.44
C GLY B 182 10.56 -27.10 1.61
N ALA B 183 11.55 -26.96 0.74
CA ALA B 183 12.65 -27.91 0.68
C ALA B 183 13.77 -27.65 1.70
N GLN B 184 13.76 -26.55 2.45
CA GLN B 184 14.88 -26.21 3.32
C GLN B 184 14.52 -26.22 4.79
N ARG B 185 15.46 -26.67 5.62
CA ARG B 185 15.32 -26.69 7.06
C ARG B 185 15.56 -25.30 7.62
N ASP B 186 15.14 -25.12 8.88
CA ASP B 186 15.40 -23.87 9.58
C ASP B 186 16.90 -23.55 9.52
N PHE B 187 17.20 -22.30 9.17
CA PHE B 187 18.54 -21.72 9.16
C PHE B 187 19.48 -22.37 8.16
N ASN B 188 18.97 -23.12 7.19
CA ASN B 188 19.83 -23.54 6.09
C ASN B 188 20.43 -22.30 5.43
N LEU B 189 21.75 -22.32 5.23
CA LEU B 189 22.49 -21.22 4.60
C LEU B 189 22.38 -19.93 5.40
N ARG B 190 22.24 -20.02 6.72
CA ARG B 190 22.21 -18.87 7.61
C ARG B 190 23.09 -19.19 8.80
N GLY B 191 23.95 -18.25 9.17
CA GLY B 191 24.83 -18.58 10.28
C GLY B 191 25.37 -17.34 10.95
N ALA B 192 25.99 -17.58 12.11
CA ALA B 192 26.59 -16.51 12.90
C ALA B 192 27.89 -17.02 13.50
N VAL B 193 28.95 -16.21 13.38
CA VAL B 193 30.24 -16.50 14.00
C VAL B 193 30.55 -15.40 15.00
N ARG B 194 31.08 -15.81 16.14
CA ARG B 194 31.62 -14.88 17.13
CA ARG B 194 31.63 -14.86 17.12
C ARG B 194 33.14 -14.91 17.02
N THR B 195 33.75 -13.79 16.64
CA THR B 195 35.19 -13.76 16.47
C THR B 195 35.90 -13.95 17.81
N GLY B 196 37.05 -14.63 17.74
CA GLY B 196 37.93 -14.77 18.88
C GLY B 196 38.92 -13.63 18.95
N ALA B 197 40.02 -13.87 19.65
CA ALA B 197 41.00 -12.81 19.86
C ALA B 197 41.64 -12.35 18.55
N ASP B 198 41.84 -13.25 17.59
CA ASP B 198 42.47 -12.85 16.33
C ASP B 198 41.50 -12.18 15.37
N GLY B 199 40.23 -12.03 15.74
CA GLY B 199 39.25 -11.34 14.89
C GLY B 199 38.80 -12.08 13.66
N THR B 200 39.15 -13.35 13.51
CA THR B 200 38.88 -14.06 12.27
C THR B 200 37.51 -14.72 12.29
N TYR B 201 36.94 -14.87 11.10
CA TYR B 201 35.69 -15.60 10.92
C TYR B 201 35.83 -16.48 9.68
N ALA B 202 35.03 -17.54 9.64
CA ALA B 202 34.94 -18.32 8.41
C ALA B 202 33.57 -18.98 8.35
N PHE B 203 32.95 -18.94 7.17
CA PHE B 203 31.71 -19.66 6.91
C PHE B 203 32.00 -20.73 5.87
N ARG B 204 31.51 -21.93 6.12
CA ARG B 204 31.60 -23.03 5.17
C ARG B 204 30.21 -23.30 4.65
N THR B 205 30.02 -23.18 3.34
CA THR B 205 28.68 -23.15 2.78
C THR B 205 28.72 -23.67 1.34
N LEU B 206 27.70 -23.31 0.55
CA LEU B 206 27.59 -23.63 -0.87
C LEU B 206 27.35 -22.36 -1.66
N MET B 207 27.69 -22.41 -2.94
CA MET B 207 27.59 -21.24 -3.83
C MET B 207 26.15 -20.82 -4.08
N PRO B 208 25.78 -19.58 -3.80
CA PRO B 208 24.43 -19.11 -4.13
C PRO B 208 24.26 -18.88 -5.63
N VAL B 209 23.00 -18.89 -6.04
CA VAL B 209 22.59 -18.46 -7.36
C VAL B 209 21.67 -17.26 -7.16
N GLY B 210 21.58 -16.39 -8.16
CA GLY B 210 20.81 -15.17 -8.01
C GLY B 210 19.33 -15.43 -7.76
N TYR B 211 18.72 -14.44 -7.14
CA TYR B 211 17.33 -14.41 -6.73
C TYR B 211 16.48 -13.74 -7.81
N GLY B 212 15.22 -14.18 -7.92
CA GLY B 212 14.25 -13.48 -8.75
C GLY B 212 12.95 -13.29 -7.99
N CYS B 213 12.27 -12.18 -8.28
CA CYS B 213 11.00 -11.90 -7.59
C CYS B 213 9.99 -13.00 -7.89
N PRO B 214 9.09 -13.30 -6.96
CA PRO B 214 8.02 -14.26 -7.23
C PRO B 214 7.28 -13.89 -8.50
N PRO B 215 7.26 -14.75 -9.49
CA PRO B 215 6.79 -14.33 -10.82
C PRO B 215 5.35 -13.86 -10.84
N GLN B 216 4.50 -14.36 -9.96
CA GLN B 216 3.11 -13.92 -9.94
C GLN B 216 2.86 -12.82 -8.91
N GLY B 217 3.88 -12.36 -8.19
CA GLY B 217 3.65 -11.40 -7.13
C GLY B 217 3.53 -9.97 -7.62
N ALA B 218 3.08 -9.13 -6.69
CA ALA B 218 2.82 -7.72 -6.99
C ALA B 218 4.08 -6.98 -7.44
N THR B 219 5.24 -7.31 -6.86
CA THR B 219 6.45 -6.58 -7.25
C THR B 219 6.76 -6.82 -8.71
N GLN B 220 6.73 -8.09 -9.13
CA GLN B 220 6.98 -8.39 -10.54
C GLN B 220 5.89 -7.83 -11.44
N GLN B 221 4.65 -7.79 -10.95
CA GLN B 221 3.58 -7.21 -11.76
C GLN B 221 3.90 -5.77 -12.15
N LEU B 222 4.31 -4.96 -11.17
CA LEU B 222 4.61 -3.57 -11.46
C LEU B 222 5.91 -3.44 -12.25
N LEU B 223 6.95 -4.21 -11.87
CA LEU B 223 8.17 -4.22 -12.67
C LEU B 223 7.86 -4.54 -14.14
N ASP B 224 6.98 -5.53 -14.38
CA ASP B 224 6.58 -5.81 -15.76
C ASP B 224 6.00 -4.58 -16.45
N ARG B 225 5.14 -3.82 -15.76
CA ARG B 225 4.56 -2.62 -16.36
C ARG B 225 5.63 -1.57 -16.66
N LEU B 226 6.71 -1.57 -15.89
CA LEU B 226 7.79 -0.62 -16.10
C LEU B 226 8.76 -1.11 -17.16
N GLY B 227 8.61 -2.34 -17.62
CA GLY B 227 9.54 -2.87 -18.59
C GLY B 227 10.84 -3.33 -17.96
N ARG B 228 10.79 -3.76 -16.69
CA ARG B 228 11.97 -4.11 -15.89
C ARG B 228 11.91 -5.55 -15.42
N HIS B 229 13.08 -6.19 -15.36
CA HIS B 229 13.17 -7.51 -14.76
C HIS B 229 13.26 -7.40 -13.24
N GLY B 230 13.01 -8.52 -12.57
CA GLY B 230 13.05 -8.58 -11.12
C GLY B 230 14.12 -9.50 -10.56
N ASN B 231 15.31 -9.48 -11.16
CA ASN B 231 16.36 -10.43 -10.81
C ASN B 231 17.53 -9.75 -10.10
N ARG B 232 18.18 -10.50 -9.22
CA ARG B 232 19.43 -10.09 -8.58
C ARG B 232 20.57 -11.01 -8.99
N PRO B 233 21.78 -10.49 -9.08
CA PRO B 233 22.96 -11.36 -9.21
C PRO B 233 23.16 -12.19 -7.95
N ALA B 234 23.94 -13.25 -8.08
CA ALA B 234 24.29 -14.06 -6.92
C ALA B 234 25.02 -13.20 -5.90
N HIS B 235 24.72 -13.40 -4.61
CA HIS B 235 25.29 -12.54 -3.58
C HIS B 235 25.18 -13.21 -2.22
N VAL B 236 25.83 -12.61 -1.22
CA VAL B 236 25.79 -13.09 0.16
C VAL B 236 25.62 -11.89 1.09
N HIS B 237 24.68 -11.99 2.03
CA HIS B 237 24.40 -10.92 2.98
C HIS B 237 25.22 -11.08 4.25
N PHE B 238 25.53 -9.93 4.90
CA PHE B 238 26.20 -9.93 6.19
C PHE B 238 25.66 -8.85 7.12
N PHE B 239 25.56 -9.21 8.41
CA PHE B 239 25.56 -8.27 9.54
C PHE B 239 26.87 -8.43 10.28
N VAL B 240 27.42 -7.32 10.79
CA VAL B 240 28.50 -7.41 11.76
C VAL B 240 28.16 -6.52 12.96
N THR B 241 28.07 -7.13 14.15
CA THR B 241 27.69 -6.46 15.38
C THR B 241 28.84 -6.60 16.39
N SER B 242 29.23 -5.49 16.98
CA SER B 242 30.35 -5.48 17.92
C SER B 242 30.15 -4.35 18.91
N ASP B 243 30.26 -4.67 20.20
CA ASP B 243 30.27 -3.63 21.22
C ASP B 243 31.30 -2.57 20.86
N GLY B 244 30.89 -1.31 20.94
CA GLY B 244 31.80 -0.23 20.64
C GLY B 244 31.98 0.06 19.17
N HIS B 245 31.31 -0.67 18.28
CA HIS B 245 31.34 -0.36 16.86
C HIS B 245 29.91 -0.25 16.35
N ARG B 246 29.75 0.52 15.28
CA ARG B 246 28.44 0.62 14.66
C ARG B 246 28.13 -0.67 13.92
N LYS B 247 26.85 -1.02 13.83
CA LYS B 247 26.44 -2.27 13.21
C LYS B 247 26.52 -2.15 11.70
N LEU B 248 27.27 -3.05 11.07
CA LEU B 248 27.47 -3.05 9.63
C LEU B 248 26.44 -3.98 8.94
N THR B 249 25.74 -3.42 7.96
CA THR B 249 24.88 -4.18 7.03
C THR B 249 25.53 -4.09 5.65
N THR B 250 25.87 -5.23 5.06
CA THR B 250 26.54 -5.18 3.77
C THR B 250 26.29 -6.51 3.04
N GLN B 251 26.91 -6.63 1.87
CA GLN B 251 26.83 -7.84 1.05
C GLN B 251 28.12 -7.92 0.25
N PHE B 252 28.28 -9.03 -0.48
CA PHE B 252 29.11 -8.99 -1.67
C PHE B 252 28.47 -9.82 -2.77
N ASN B 253 28.81 -9.48 -4.01
CA ASN B 253 28.31 -10.18 -5.18
C ASN B 253 29.31 -11.22 -5.64
N ILE B 254 28.82 -12.29 -6.24
CA ILE B 254 29.70 -13.34 -6.77
C ILE B 254 30.29 -12.84 -8.08
N GLU B 255 31.62 -12.83 -8.14
CA GLU B 255 32.35 -12.38 -9.31
C GLU B 255 31.85 -13.07 -10.58
N GLY B 256 31.73 -12.29 -11.65
CA GLY B 256 31.41 -12.82 -12.96
C GLY B 256 29.93 -13.01 -13.25
N ASP B 257 29.04 -12.72 -12.30
CA ASP B 257 27.62 -12.87 -12.56
C ASP B 257 27.16 -11.87 -13.62
N PRO B 258 26.43 -12.30 -14.66
CA PRO B 258 26.02 -11.35 -15.71
C PRO B 258 25.10 -10.25 -15.23
N LEU B 259 24.42 -10.43 -14.10
CA LEU B 259 23.51 -9.42 -13.57
C LEU B 259 24.21 -8.48 -12.61
N ILE B 260 25.53 -8.50 -12.54
CA ILE B 260 26.23 -7.84 -11.44
C ILE B 260 26.01 -6.34 -11.45
N TRP B 261 25.88 -5.74 -12.63
CA TRP B 261 25.53 -4.32 -12.71
C TRP B 261 24.13 -4.12 -13.25
N ASP B 262 23.27 -5.10 -13.05
CA ASP B 262 21.89 -5.03 -13.51
C ASP B 262 20.97 -5.62 -12.46
N ASP B 263 21.29 -5.33 -11.19
CA ASP B 263 20.50 -5.73 -10.03
C ASP B 263 19.20 -4.93 -10.00
N PHE B 264 18.08 -5.64 -9.89
CA PHE B 264 16.81 -4.94 -9.79
C PHE B 264 16.68 -4.17 -8.47
N ALA B 265 17.56 -4.42 -7.49
CA ALA B 265 17.54 -3.72 -6.22
C ALA B 265 18.68 -2.72 -6.07
N TYR B 266 19.48 -2.53 -7.12
CA TYR B 266 20.44 -1.43 -7.21
C TYR B 266 21.47 -1.43 -6.08
N ALA B 267 21.89 -2.63 -5.66
CA ALA B 267 22.69 -2.77 -4.45
C ALA B 267 24.18 -2.99 -4.71
N THR B 268 24.59 -3.16 -5.96
CA THR B 268 25.97 -3.58 -6.20
C THR B 268 26.93 -2.42 -6.04
N ARG B 269 28.10 -2.69 -5.47
CA ARG B 269 29.13 -1.68 -5.29
C ARG B 269 30.44 -2.30 -5.76
N GLU B 270 31.27 -1.48 -6.43
CA GLU B 270 32.51 -1.97 -6.99
C GLU B 270 33.39 -2.58 -5.91
N GLU B 271 33.36 -2.04 -4.70
CA GLU B 271 34.19 -2.52 -3.60
C GLU B 271 33.69 -3.83 -3.01
N LEU B 272 32.51 -4.30 -3.39
CA LEU B 272 31.89 -5.48 -2.80
C LEU B 272 31.83 -6.62 -3.80
N ILE B 273 32.91 -6.80 -4.56
CA ILE B 273 32.98 -7.88 -5.53
C ILE B 273 34.32 -8.57 -5.35
N PRO B 274 34.51 -9.39 -4.31
CA PRO B 274 35.83 -9.96 -4.05
C PRO B 274 36.16 -11.03 -5.07
N PRO B 275 37.44 -11.23 -5.38
CA PRO B 275 37.81 -12.30 -6.31
C PRO B 275 37.48 -13.68 -5.74
N VAL B 276 37.09 -14.58 -6.63
CA VAL B 276 36.80 -15.97 -6.29
C VAL B 276 37.92 -16.83 -6.86
N THR B 277 38.47 -17.71 -6.02
CA THR B 277 39.57 -18.58 -6.40
C THR B 277 39.19 -20.02 -6.07
N THR B 278 39.57 -20.94 -6.96
CA THR B 278 39.36 -22.37 -6.73
C THR B 278 40.52 -22.96 -5.95
N LYS B 279 40.20 -23.73 -4.90
CA LYS B 279 41.20 -24.38 -4.06
C LYS B 279 40.88 -25.88 -3.96
N THR B 280 41.87 -26.64 -3.48
CA THR B 280 41.73 -28.07 -3.26
C THR B 280 41.83 -28.37 -1.77
N GLY B 281 41.63 -29.64 -1.42
CA GLY B 281 41.64 -30.04 -0.03
C GLY B 281 40.35 -29.82 0.72
N GLY B 282 39.21 -29.84 0.01
CA GLY B 282 37.94 -29.55 0.67
C GLY B 282 37.59 -30.52 1.77
N ALA B 283 38.06 -31.77 1.66
CA ALA B 283 37.75 -32.79 2.65
C ALA B 283 38.27 -32.39 4.04
N ALA B 284 39.47 -31.80 4.09
CA ALA B 284 40.04 -31.40 5.37
C ALA B 284 39.26 -30.27 6.03
N LEU B 285 38.47 -29.52 5.26
CA LEU B 285 37.60 -28.49 5.80
C LEU B 285 36.16 -28.97 5.96
N GLY B 286 35.93 -30.28 5.90
CA GLY B 286 34.59 -30.80 6.07
C GLY B 286 33.67 -30.55 4.90
N LEU B 287 34.20 -30.24 3.73
CA LEU B 287 33.39 -29.94 2.57
C LEU B 287 33.07 -31.22 1.80
N LYS B 288 32.06 -31.14 0.93
CA LYS B 288 31.54 -32.30 0.21
C LYS B 288 32.36 -32.66 -1.03
N ALA B 289 33.36 -31.87 -1.38
CA ALA B 289 34.17 -32.15 -2.56
C ALA B 289 35.59 -31.70 -2.26
N ASP B 290 36.54 -32.25 -3.03
CA ASP B 290 37.93 -31.82 -2.89
C ASP B 290 38.12 -30.41 -3.42
N ALA B 291 37.57 -30.13 -4.60
CA ALA B 291 37.66 -28.80 -5.18
C ALA B 291 36.54 -27.92 -4.63
N TYR B 292 36.89 -26.70 -4.24
CA TYR B 292 35.90 -25.75 -3.74
C TYR B 292 36.28 -24.35 -4.15
N GLN B 293 35.34 -23.42 -4.01
CA GLN B 293 35.57 -22.01 -4.30
C GLN B 293 35.78 -21.27 -2.99
N ASP B 294 36.75 -20.36 -3.01
CA ASP B 294 37.20 -19.67 -1.81
C ASP B 294 37.13 -18.18 -2.03
N ILE B 295 36.62 -17.46 -1.03
CA ILE B 295 36.46 -16.02 -1.10
C ILE B 295 37.03 -15.44 0.19
N THR B 296 38.05 -14.60 0.07
CA THR B 296 38.52 -13.81 1.21
C THR B 296 37.77 -12.48 1.21
N PHE B 297 37.18 -12.13 2.34
CA PHE B 297 36.44 -10.88 2.44
C PHE B 297 36.64 -10.34 3.84
N ASP B 298 37.28 -9.18 3.96
CA ASP B 298 37.56 -8.60 5.26
C ASP B 298 36.57 -7.50 5.59
N PHE B 299 36.24 -7.39 6.87
CA PHE B 299 35.38 -6.33 7.37
C PHE B 299 36.19 -5.31 8.15
N VAL B 300 35.92 -4.04 7.91
CA VAL B 300 36.48 -2.95 8.67
C VAL B 300 35.33 -2.18 9.30
N LEU B 301 35.30 -2.15 10.63
CA LEU B 301 34.22 -1.53 11.38
C LEU B 301 34.56 -0.09 11.73
N THR B 302 33.52 0.69 12.01
CA THR B 302 33.69 2.06 12.47
C THR B 302 33.21 2.20 13.92
N PRO B 303 33.79 3.11 14.68
CA PRO B 303 33.40 3.26 16.08
C PRO B 303 32.08 3.99 16.21
N ARG B 304 31.48 3.87 17.40
CA ARG B 304 30.24 4.59 17.70
C ARG B 304 30.57 6.05 18.05
N VAL B 305 29.58 6.82 18.47
CA VAL B 305 29.79 8.22 18.82
C VAL B 305 29.78 8.42 20.34
N ALA B 308 26.95 5.80 20.84
CA ALA B 308 25.65 5.65 20.21
C ALA B 308 25.78 5.33 18.72
N ASP B 309 24.99 4.36 18.26
CA ASP B 309 25.00 3.94 16.86
C ASP B 309 23.94 4.74 16.10
N ASN B 310 24.39 5.71 15.30
CA ASN B 310 23.49 6.62 14.62
C ASN B 310 22.93 6.09 13.30
N GLN B 311 23.22 4.83 12.92
CA GLN B 311 22.73 4.31 11.65
C GLN B 311 22.14 2.91 11.73
N ILE B 312 22.05 2.32 12.92
CA ILE B 312 21.43 1.01 13.05
C ILE B 312 19.94 1.12 12.74
N VAL B 313 19.39 0.11 12.08
CA VAL B 313 18.04 0.17 11.54
C VAL B 313 17.17 -0.89 12.19
N GLU B 314 16.01 -0.47 12.67
CA GLU B 314 15.01 -1.37 13.21
C GLU B 314 13.91 -1.55 12.18
N ARG B 315 13.65 -2.78 11.77
CA ARG B 315 12.57 -3.06 10.84
C ARG B 315 12.05 -4.46 11.16
N PRO B 316 10.81 -4.76 10.78
CA PRO B 316 10.30 -6.13 10.97
C PRO B 316 11.22 -7.14 10.32
N ARG B 317 11.51 -8.20 11.07
CA ARG B 317 12.39 -9.25 10.62
C ARG B 317 11.86 -10.57 11.15
N ALA B 318 11.94 -11.59 10.32
CA ALA B 318 11.49 -12.93 10.68
C ALA B 318 12.35 -13.49 11.79
N SER B 319 11.82 -14.52 12.45
CA SER B 319 12.51 -15.18 13.55
C SER B 319 11.95 -16.59 13.67
N VAL B 320 12.66 -17.41 14.44
CA VAL B 320 12.25 -18.79 14.69
C VAL B 320 12.74 -19.26 16.07
#